data_3ZMD
#
_entry.id   3ZMD
#
_cell.length_a   43.648
_cell.length_b   120.483
_cell.length_c   144.290
_cell.angle_alpha   90.00
_cell.angle_beta   90.00
_cell.angle_gamma   90.00
#
_symmetry.space_group_name_H-M   'P 21 21 21'
#
loop_
_entity.id
_entity.type
_entity.pdbx_description
1 polymer 'PUTATIVE TRANSCRIPTIONAL REGULATOR'
2 non-polymer '2-HYDROXYBENZOIC ACID'
3 non-polymer 'SODIUM ION'
4 non-polymer 'CHLORIDE ION'
5 non-polymer 1,2-ETHANEDIOL
6 water water
#
_entity_poly.entity_id   1
_entity_poly.type   'polypeptide(L)'
_entity_poly.pdbx_seq_one_letter_code
;MGSSHHHHHHSSGLVPRGSHMETETATRWLTDTEQCAWRTHLEVNRLLTHQLEKDLQPFGLTMNDYEILVNLSESEGDRM
RMSDLATATMQSKSRLSHQITRMENANLVRRENCESDRRGLFAVLTEHGLETMRKVAPHHVASVRRHFIDLLAPEDLTEL
DKALKPIAEHLRGQRGRP
;
_entity_poly.pdbx_strand_id   A,B,C,D
#
loop_
_chem_comp.id
_chem_comp.type
_chem_comp.name
_chem_comp.formula
CL non-polymer 'CHLORIDE ION' 'Cl -1'
EDO non-polymer 1,2-ETHANEDIOL 'C2 H6 O2'
NA non-polymer 'SODIUM ION' 'Na 1'
SAL non-polymer '2-HYDROXYBENZOIC ACID' 'C7 H6 O3'
#
# COMPACT_ATOMS: atom_id res chain seq x y z
N THR A 27 5.65 47.03 26.64
CA THR A 27 4.79 45.87 26.25
C THR A 27 3.85 46.32 25.15
N ARG A 28 3.82 45.59 24.03
CA ARG A 28 2.92 45.97 22.95
C ARG A 28 1.62 45.19 23.03
N TRP A 29 0.69 45.69 23.85
CA TRP A 29 -0.61 45.04 24.04
C TRP A 29 -1.34 44.94 22.73
N LEU A 30 -2.18 43.93 22.58
CA LEU A 30 -2.87 43.78 21.33
C LEU A 30 -3.86 44.93 21.15
N THR A 31 -4.00 45.40 19.93
CA THR A 31 -5.01 46.39 19.58
C THR A 31 -6.35 45.69 19.57
N ASP A 32 -7.43 46.46 19.46
CA ASP A 32 -8.77 45.87 19.36
C ASP A 32 -8.89 44.89 18.18
N THR A 33 -8.37 45.28 17.01
CA THR A 33 -8.41 44.44 15.82
C THR A 33 -7.60 43.16 16.00
N GLU A 34 -6.39 43.29 16.53
CA GLU A 34 -5.55 42.12 16.77
C GLU A 34 -6.20 41.17 17.80
N GLN A 35 -6.73 41.74 18.89
CA GLN A 35 -7.30 40.94 19.95
C GLN A 35 -8.50 40.13 19.46
N CYS A 36 -9.34 40.78 18.68
CA CYS A 36 -10.53 40.13 18.14
CA CYS A 36 -10.54 40.17 18.12
C CYS A 36 -10.15 38.96 17.26
N ALA A 37 -9.18 39.16 16.38
CA ALA A 37 -8.72 38.09 15.49
C ALA A 37 -8.10 36.96 16.28
N TRP A 38 -7.27 37.29 17.27
CA TRP A 38 -6.63 36.27 18.10
C TRP A 38 -7.66 35.45 18.85
N ARG A 39 -8.61 36.11 19.49
CA ARG A 39 -9.61 35.39 20.29
C ARG A 39 -10.59 34.56 19.47
N THR A 40 -10.92 35.02 18.26
CA THR A 40 -11.74 34.23 17.33
C THR A 40 -10.98 32.97 16.90
N HIS A 41 -9.71 33.11 16.52
CA HIS A 41 -8.88 31.96 16.20
C HIS A 41 -8.82 30.95 17.31
N LEU A 42 -8.61 31.42 18.54
CA LEU A 42 -8.46 30.58 19.67
C LEU A 42 -9.78 29.86 20.00
N GLU A 43 -10.90 30.58 19.90
CA GLU A 43 -12.20 30.04 20.19
C GLU A 43 -12.55 28.94 19.19
N VAL A 44 -12.36 29.25 17.90
CA VAL A 44 -12.58 28.24 16.86
C VAL A 44 -11.67 27.00 17.04
N ASN A 45 -10.38 27.21 17.30
CA ASN A 45 -9.42 26.12 17.57
C ASN A 45 -9.92 25.20 18.67
N ARG A 46 -10.27 25.78 19.81
CA ARG A 46 -10.71 24.99 20.97
C ARG A 46 -12.02 24.27 20.69
N LEU A 47 -13.01 24.99 20.18
CA LEU A 47 -14.31 24.40 19.94
C LEU A 47 -14.30 23.32 18.84
N LEU A 48 -13.53 23.56 17.81
CA LEU A 48 -13.46 22.63 16.67
C LEU A 48 -12.73 21.34 17.04
N THR A 49 -11.61 21.45 17.76
CA THR A 49 -10.90 20.28 18.25
C THR A 49 -11.84 19.42 19.10
N HIS A 50 -12.57 20.05 20.01
CA HIS A 50 -13.53 19.33 20.85
C HIS A 50 -14.59 18.61 20.05
N GLN A 51 -15.17 19.34 19.09
CA GLN A 51 -16.28 18.85 18.28
C GLN A 51 -15.87 17.66 17.40
N LEU A 52 -14.71 17.75 16.78
CA LEU A 52 -14.26 16.68 15.92
C LEU A 52 -13.95 15.44 16.77
N GLU A 53 -13.33 15.63 17.94
CA GLU A 53 -13.09 14.51 18.86
C GLU A 53 -14.40 13.86 19.28
N LYS A 54 -15.37 14.69 19.66
CA LYS A 54 -16.72 14.22 20.02
C LYS A 54 -17.35 13.38 18.90
N ASP A 55 -17.23 13.82 17.64
CA ASP A 55 -17.82 13.09 16.51
C ASP A 55 -17.11 11.75 16.23
N LEU A 56 -15.85 11.58 16.63
CA LEU A 56 -15.13 10.31 16.47
C LEU A 56 -15.42 9.31 17.59
N GLN A 57 -15.87 9.81 18.73
CA GLN A 57 -16.07 9.00 19.93
C GLN A 57 -16.88 7.71 19.68
N PRO A 58 -18.04 7.80 18.98
CA PRO A 58 -18.82 6.59 18.70
C PRO A 58 -18.05 5.47 17.95
N PHE A 59 -16.99 5.82 17.26
CA PHE A 59 -16.15 4.83 16.59
C PHE A 59 -15.02 4.34 17.48
N GLY A 60 -14.92 4.84 18.70
CA GLY A 60 -13.87 4.39 19.63
C GLY A 60 -12.48 4.87 19.22
N LEU A 61 -12.41 5.97 18.48
CA LEU A 61 -11.12 6.51 18.03
C LEU A 61 -10.90 7.91 18.57
N THR A 62 -9.64 8.22 18.88
CA THR A 62 -9.25 9.59 19.17
C THR A 62 -8.84 10.23 17.86
N MET A 63 -8.73 11.54 17.83
CA MET A 63 -8.27 12.20 16.63
C MET A 63 -6.81 11.83 16.33
N ASN A 64 -6.00 11.69 17.38
CA ASN A 64 -4.64 11.23 17.21
C ASN A 64 -4.59 9.87 16.47
N ASP A 65 -5.44 8.93 16.86
CA ASP A 65 -5.52 7.61 16.18
C ASP A 65 -5.86 7.80 14.72
N TYR A 66 -6.90 8.59 14.48
CA TYR A 66 -7.41 8.80 13.13
C TYR A 66 -6.34 9.42 12.23
N GLU A 67 -5.60 10.39 12.76
CA GLU A 67 -4.57 11.04 11.97
C GLU A 67 -3.45 10.07 11.52
N ILE A 68 -3.13 9.10 12.38
CA ILE A 68 -2.15 8.05 12.02
C ILE A 68 -2.70 7.16 10.94
N LEU A 69 -3.97 6.77 11.06
CA LEU A 69 -4.59 5.98 10.03
C LEU A 69 -4.54 6.68 8.68
N VAL A 70 -4.85 7.97 8.66
CA VAL A 70 -4.82 8.75 7.42
C VAL A 70 -3.40 8.82 6.83
N ASN A 71 -2.42 9.20 7.64
CA ASN A 71 -1.03 9.29 7.16
C ASN A 71 -0.56 7.95 6.57
N LEU A 72 -0.82 6.85 7.26
CA LEU A 72 -0.39 5.54 6.76
C LEU A 72 -1.13 5.20 5.46
N SER A 73 -2.43 5.46 5.39
CA SER A 73 -3.21 5.03 4.22
C SER A 73 -2.83 5.83 2.97
N GLU A 74 -2.25 7.02 3.16
CA GLU A 74 -1.81 7.82 2.04
C GLU A 74 -0.37 7.53 1.65
N SER A 75 0.30 6.61 2.36
CA SER A 75 1.67 6.23 2.03
C SER A 75 1.74 4.98 1.16
N GLU A 76 2.81 4.89 0.38
CA GLU A 76 3.05 3.72 -0.45
C GLU A 76 3.11 2.49 0.44
N GLY A 77 2.38 1.46 0.06
CA GLY A 77 2.31 0.23 0.85
C GLY A 77 1.60 0.36 2.20
N ASP A 78 0.89 1.46 2.42
CA ASP A 78 0.23 1.75 3.71
C ASP A 78 1.18 1.63 4.88
N ARG A 79 2.41 2.06 4.70
CA ARG A 79 3.41 1.97 5.76
CA ARG A 79 3.43 1.95 5.75
C ARG A 79 4.36 3.13 5.69
N MET A 80 4.94 3.48 6.83
CA MET A 80 5.87 4.59 6.94
C MET A 80 6.92 4.23 7.96
N ARG A 81 8.16 4.68 7.75
CA ARG A 81 9.19 4.62 8.76
C ARG A 81 8.67 5.41 9.98
N MET A 82 8.87 4.86 11.17
CA MET A 82 8.42 5.55 12.41
C MET A 82 8.94 7.00 12.49
N SER A 83 10.21 7.24 12.15
CA SER A 83 10.76 8.61 12.22
C SER A 83 10.04 9.57 11.25
N ASP A 84 9.66 9.08 10.07
CA ASP A 84 8.86 9.89 9.11
C ASP A 84 7.43 10.12 9.61
N LEU A 85 6.85 9.12 10.26
CA LEU A 85 5.53 9.24 10.86
C LEU A 85 5.54 10.23 12.03
N ALA A 86 6.60 10.19 12.83
CA ALA A 86 6.81 11.15 13.91
C ALA A 86 6.82 12.60 13.41
N THR A 87 7.56 12.84 12.34
CA THR A 87 7.63 14.15 11.72
C THR A 87 6.27 14.60 11.16
N ALA A 88 5.57 13.68 10.48
CA ALA A 88 4.25 13.97 9.88
C ALA A 88 3.17 14.31 10.92
N THR A 89 3.25 13.70 12.09
CA THR A 89 2.29 13.95 13.15
C THR A 89 2.86 14.89 14.21
N MET A 90 4.02 15.47 13.91
CA MET A 90 4.71 16.43 14.78
C MET A 90 4.80 15.97 16.24
N GLN A 91 5.30 14.76 16.48
CA GLN A 91 5.54 14.28 17.85
C GLN A 91 6.86 13.54 17.99
N SER A 92 7.29 13.34 19.23
CA SER A 92 8.58 12.73 19.52
C SER A 92 8.56 11.24 19.22
N LYS A 93 9.75 10.68 19.04
CA LYS A 93 9.92 9.25 18.81
C LYS A 93 9.24 8.47 19.92
N SER A 94 9.44 8.92 21.17
CA SER A 94 8.90 8.21 22.34
C SER A 94 7.38 8.29 22.42
N ARG A 95 6.81 9.49 22.19
CA ARG A 95 5.36 9.63 22.20
C ARG A 95 4.72 8.79 21.07
N LEU A 96 5.30 8.83 19.86
CA LEU A 96 4.73 8.04 18.76
C LEU A 96 4.74 6.56 19.11
N SER A 97 5.84 6.11 19.72
CA SER A 97 6.00 4.71 20.07
C SER A 97 4.88 4.26 21.01
N HIS A 98 4.55 5.07 22.01
CA HIS A 98 3.46 4.76 22.94
C HIS A 98 2.14 4.70 22.24
N GLN A 99 1.91 5.64 21.33
CA GLN A 99 0.67 5.68 20.59
C GLN A 99 0.54 4.46 19.67
N ILE A 100 1.63 4.09 19.00
CA ILE A 100 1.58 2.94 18.09
C ILE A 100 1.32 1.66 18.90
N THR A 101 1.91 1.56 20.09
CA THR A 101 1.62 0.42 20.98
C THR A 101 0.11 0.32 21.26
N ARG A 102 -0.52 1.44 21.59
CA ARG A 102 -1.98 1.50 21.79
C ARG A 102 -2.75 1.05 20.52
N MET A 103 -2.33 1.51 19.37
CA MET A 103 -3.03 1.19 18.15
C MET A 103 -2.78 -0.28 17.77
N GLU A 104 -1.60 -0.80 18.13
CA GLU A 104 -1.25 -2.21 17.92
C GLU A 104 -2.16 -3.06 18.79
N ASN A 105 -2.30 -2.68 20.05
CA ASN A 105 -3.23 -3.38 20.94
C ASN A 105 -4.67 -3.40 20.39
N ALA A 106 -5.07 -2.35 19.67
CA ALA A 106 -6.40 -2.32 19.02
C ALA A 106 -6.43 -2.96 17.61
N ASN A 107 -5.30 -3.55 17.19
CA ASN A 107 -5.18 -4.23 15.88
C ASN A 107 -5.40 -3.30 14.69
N LEU A 108 -5.03 -2.03 14.85
CA LEU A 108 -5.14 -1.06 13.77
C LEU A 108 -3.85 -0.94 12.95
N VAL A 109 -2.72 -1.13 13.61
CA VAL A 109 -1.41 -1.02 12.98
C VAL A 109 -0.54 -2.15 13.51
N ARG A 110 0.53 -2.45 12.78
CA ARG A 110 1.59 -3.33 13.26
C ARG A 110 2.96 -2.69 13.02
N ARG A 111 3.93 -3.08 13.81
CA ARG A 111 5.34 -2.72 13.58
C ARG A 111 6.10 -3.78 12.78
N GLU A 112 7.06 -3.34 11.95
CA GLU A 112 7.93 -4.26 11.22
C GLU A 112 9.38 -3.82 11.32
N ASN A 113 10.25 -4.79 11.56
CA ASN A 113 11.71 -4.72 11.45
C ASN A 113 12.20 -4.47 10.02
N CYS A 114 13.34 -3.78 9.92
CA CYS A 114 14.10 -3.63 8.69
C CYS A 114 15.38 -4.44 8.72
N GLU A 115 15.57 -5.29 7.72
CA GLU A 115 16.68 -6.23 7.79
C GLU A 115 18.00 -5.56 7.31
N SER A 116 17.82 -4.55 6.48
CA SER A 116 18.89 -4.02 5.63
C SER A 116 19.64 -2.85 6.28
N ASP A 117 18.99 -2.22 7.25
CA ASP A 117 19.62 -1.14 8.03
C ASP A 117 19.18 -1.11 9.51
N ARG A 118 19.83 -0.21 10.23
CA ARG A 118 19.54 0.10 11.62
C ARG A 118 18.81 1.43 11.82
N ARG A 119 18.15 1.98 10.78
CA ARG A 119 17.43 3.26 10.87
C ARG A 119 15.99 3.15 11.46
N GLY A 120 15.66 2.00 12.05
CA GLY A 120 14.43 1.85 12.83
C GLY A 120 13.27 1.10 12.20
N LEU A 121 12.16 1.09 12.92
CA LEU A 121 11.01 0.32 12.54
C LEU A 121 10.05 1.07 11.60
N PHE A 122 9.20 0.29 10.93
CA PHE A 122 8.07 0.80 10.11
C PHE A 122 6.79 0.53 10.83
N ALA A 123 5.83 1.43 10.68
CA ALA A 123 4.45 1.24 11.10
C ALA A 123 3.67 0.89 9.84
N VAL A 124 2.79 -0.09 9.94
CA VAL A 124 2.04 -0.61 8.83
C VAL A 124 0.58 -0.74 9.21
N LEU A 125 -0.29 -0.26 8.35
CA LEU A 125 -1.73 -0.46 8.58
C LEU A 125 -2.14 -1.92 8.47
N THR A 126 -2.95 -2.39 9.41
CA THR A 126 -3.57 -3.71 9.27
C THR A 126 -4.84 -3.57 8.41
N GLU A 127 -5.35 -4.71 7.95
CA GLU A 127 -6.63 -4.71 7.27
C GLU A 127 -7.74 -4.14 8.17
N HIS A 128 -7.70 -4.43 9.48
CA HIS A 128 -8.69 -3.87 10.40
C HIS A 128 -8.57 -2.38 10.49
N GLY A 129 -7.33 -1.89 10.49
CA GLY A 129 -7.09 -0.45 10.41
C GLY A 129 -7.64 0.24 9.16
N LEU A 130 -7.42 -0.38 8.02
CA LEU A 130 -7.96 0.04 6.74
C LEU A 130 -9.50 0.08 6.75
N GLU A 131 -10.11 -0.98 7.25
CA GLU A 131 -11.56 -1.06 7.26
C GLU A 131 -12.13 -0.04 8.20
N THR A 132 -11.44 0.19 9.31
CA THR A 132 -11.87 1.19 10.29
C THR A 132 -11.84 2.57 9.62
N MET A 133 -10.74 2.88 8.96
CA MET A 133 -10.67 4.09 8.16
C MET A 133 -11.82 4.25 7.18
N ARG A 134 -12.06 3.22 6.40
CA ARG A 134 -13.11 3.26 5.40
C ARG A 134 -14.48 3.46 6.01
N LYS A 135 -14.72 2.87 7.18
CA LYS A 135 -15.98 3.07 7.88
C LYS A 135 -16.15 4.51 8.41
N VAL A 136 -15.10 5.08 9.01
CA VAL A 136 -15.17 6.36 9.71
C VAL A 136 -15.06 7.56 8.76
N ALA A 137 -14.25 7.42 7.70
CA ALA A 137 -13.92 8.54 6.81
C ALA A 137 -15.15 9.35 6.34
N PRO A 138 -16.22 8.69 5.84
CA PRO A 138 -17.42 9.41 5.37
C PRO A 138 -18.07 10.24 6.45
N HIS A 139 -18.09 9.71 7.67
CA HIS A 139 -18.64 10.47 8.80
C HIS A 139 -17.72 11.61 9.16
N HIS A 140 -16.42 11.38 9.19
CA HIS A 140 -15.47 12.43 9.50
C HIS A 140 -15.51 13.54 8.49
N VAL A 141 -15.56 13.21 7.21
CA VAL A 141 -15.60 14.24 6.18
C VAL A 141 -16.89 15.04 6.27
N ALA A 142 -18.01 14.38 6.57
CA ALA A 142 -19.28 15.08 6.77
C ALA A 142 -19.22 16.04 7.95
N SER A 143 -18.52 15.64 9.01
CA SER A 143 -18.30 16.51 10.16
CA SER A 143 -18.29 16.51 10.18
C SER A 143 -17.41 17.71 9.87
N VAL A 144 -16.30 17.48 9.20
CA VAL A 144 -15.39 18.55 8.77
C VAL A 144 -16.13 19.55 7.90
N ARG A 145 -16.97 19.04 7.00
CA ARG A 145 -17.77 19.92 6.17
C ARG A 145 -18.80 20.73 6.97
N ARG A 146 -19.63 20.06 7.76
CA ARG A 146 -20.72 20.76 8.45
C ARG A 146 -20.23 21.78 9.50
N HIS A 147 -19.09 21.50 10.15
CA HIS A 147 -18.56 22.38 11.19
C HIS A 147 -17.52 23.34 10.73
N PHE A 148 -17.06 23.25 9.50
CA PHE A 148 -15.97 24.12 9.07
C PHE A 148 -15.96 24.40 7.57
N ILE A 149 -15.64 23.41 6.75
CA ILE A 149 -15.37 23.62 5.32
C ILE A 149 -16.58 24.17 4.56
N ASP A 150 -17.77 23.63 4.82
CA ASP A 150 -18.94 24.14 4.10
C ASP A 150 -19.43 25.51 4.64
N LEU A 151 -18.77 26.03 5.67
CA LEU A 151 -19.09 27.30 6.29
C LEU A 151 -18.19 28.42 5.81
N LEU A 152 -17.23 28.08 4.93
CA LEU A 152 -16.32 29.04 4.37
C LEU A 152 -16.53 29.25 2.91
N ALA A 153 -16.66 30.51 2.51
CA ALA A 153 -16.67 30.87 1.09
C ALA A 153 -15.34 30.45 0.49
N PRO A 154 -15.33 29.99 -0.80
CA PRO A 154 -14.07 29.55 -1.43
C PRO A 154 -12.98 30.61 -1.37
N GLU A 155 -13.35 31.87 -1.53
CA GLU A 155 -12.38 32.97 -1.42
CA GLU A 155 -12.38 32.96 -1.42
C GLU A 155 -11.72 33.06 -0.03
N ASP A 156 -12.51 32.95 1.02
CA ASP A 156 -12.04 33.02 2.40
C ASP A 156 -11.17 31.81 2.76
N LEU A 157 -11.52 30.65 2.23
CA LEU A 157 -10.71 29.46 2.34
C LEU A 157 -9.30 29.62 1.78
N THR A 158 -9.21 30.09 0.55
CA THR A 158 -7.94 30.41 -0.10
C THR A 158 -7.10 31.45 0.64
N GLU A 159 -7.75 32.52 1.05
CA GLU A 159 -7.11 33.62 1.77
C GLU A 159 -6.63 33.17 3.14
N LEU A 160 -7.44 32.42 3.85
CA LEU A 160 -7.03 31.81 5.11
C LEU A 160 -5.78 30.92 4.91
N ASP A 161 -5.79 30.08 3.89
CA ASP A 161 -4.68 29.18 3.64
C ASP A 161 -3.37 29.91 3.33
N LYS A 162 -3.45 30.93 2.47
CA LYS A 162 -2.27 31.74 2.15
C LYS A 162 -1.75 32.45 3.39
N ALA A 163 -2.64 32.95 4.23
CA ALA A 163 -2.21 33.61 5.48
C ALA A 163 -1.58 32.65 6.50
N LEU A 164 -2.13 31.45 6.61
CA LEU A 164 -1.73 30.49 7.65
C LEU A 164 -0.55 29.61 7.30
N LYS A 165 -0.30 29.39 6.02
CA LYS A 165 0.85 28.60 5.60
C LYS A 165 2.22 29.08 6.21
N PRO A 166 2.51 30.39 6.16
CA PRO A 166 3.75 30.89 6.76
C PRO A 166 3.79 30.76 8.29
N ILE A 167 2.63 30.74 8.93
CA ILE A 167 2.57 30.49 10.36
C ILE A 167 2.93 29.04 10.66
N ALA A 168 2.40 28.09 9.88
CA ALA A 168 2.78 26.67 10.00
C ALA A 168 4.27 26.52 9.81
N GLU A 169 4.82 27.22 8.83
CA GLU A 169 6.25 27.15 8.52
C GLU A 169 7.07 27.64 9.67
N HIS A 170 6.74 28.82 10.18
CA HIS A 170 7.40 29.36 11.35
C HIS A 170 7.36 28.40 12.52
N LEU A 171 6.17 27.85 12.79
CA LEU A 171 6.02 26.96 13.95
C LEU A 171 6.77 25.64 13.79
N ARG A 172 6.78 25.08 12.58
CA ARG A 172 7.56 23.88 12.31
C ARG A 172 9.06 24.14 12.56
N GLY A 173 9.54 25.33 12.22
CA GLY A 173 10.95 25.71 12.42
C GLY A 173 11.33 25.93 13.88
N GLN A 174 10.35 26.15 14.73
CA GLN A 174 10.48 26.61 16.07
C GLN A 174 10.37 25.46 17.05
N THR B 27 -20.77 10.50 -0.83
CA THR B 27 -19.80 11.22 0.06
C THR B 27 -19.14 12.33 -0.73
N ARG B 28 -19.17 13.54 -0.21
CA ARG B 28 -18.47 14.65 -0.88
C ARG B 28 -17.05 14.80 -0.31
N TRP B 29 -16.11 14.02 -0.86
CA TRP B 29 -14.71 14.04 -0.43
C TRP B 29 -14.15 15.42 -0.61
N LEU B 30 -13.18 15.80 0.21
CA LEU B 30 -12.61 17.12 0.07
C LEU B 30 -11.85 17.21 -1.25
N THR B 31 -11.99 18.35 -1.91
CA THR B 31 -11.22 18.60 -3.13
C THR B 31 -9.77 18.79 -2.67
N ASP B 32 -8.86 18.82 -3.63
CA ASP B 32 -7.46 19.15 -3.33
C ASP B 32 -7.31 20.49 -2.60
N THR B 33 -8.02 21.52 -3.06
CA THR B 33 -7.92 22.85 -2.44
C THR B 33 -8.47 22.84 -1.01
N GLU B 34 -9.62 22.21 -0.81
CA GLU B 34 -10.20 22.10 0.50
C GLU B 34 -9.29 21.29 1.45
N GLN B 35 -8.76 20.18 0.96
CA GLN B 35 -7.91 19.32 1.82
C GLN B 35 -6.66 20.03 2.29
N CYS B 36 -6.03 20.76 1.38
CA CYS B 36 -4.84 21.53 1.71
CA CYS B 36 -4.83 21.53 1.68
C CYS B 36 -5.11 22.59 2.78
N ALA B 37 -6.20 23.32 2.60
CA ALA B 37 -6.59 24.31 3.58
C ALA B 37 -6.92 23.67 4.93
N TRP B 38 -7.67 22.58 4.92
CA TRP B 38 -8.06 21.92 6.13
C TRP B 38 -6.85 21.45 6.90
N ARG B 39 -5.91 20.83 6.22
CA ARG B 39 -4.74 20.29 6.87
C ARG B 39 -3.82 21.39 7.42
N THR B 40 -3.76 22.52 6.72
CA THR B 40 -3.03 23.67 7.21
C THR B 40 -3.68 24.20 8.50
N HIS B 41 -5.00 24.32 8.53
CA HIS B 41 -5.69 24.69 9.78
CA HIS B 41 -5.73 24.68 9.78
C HIS B 41 -5.39 23.77 10.93
N LEU B 42 -5.39 22.47 10.70
CA LEU B 42 -5.10 21.51 11.74
C LEU B 42 -3.67 21.64 12.22
N GLU B 43 -2.74 21.79 11.29
CA GLU B 43 -1.34 21.83 11.62
C GLU B 43 -1.08 23.09 12.47
N VAL B 44 -1.60 24.23 12.04
CA VAL B 44 -1.44 25.47 12.81
C VAL B 44 -2.08 25.41 14.20
N ASN B 45 -3.31 24.89 14.29
CA ASN B 45 -4.00 24.75 15.57
C ASN B 45 -3.12 23.92 16.54
N ARG B 46 -2.63 22.76 16.08
CA ARG B 46 -1.83 21.87 16.92
C ARG B 46 -0.50 22.48 17.33
N LEU B 47 0.24 22.97 16.36
CA LEU B 47 1.58 23.51 16.61
C LEU B 47 1.53 24.77 17.51
N LEU B 48 0.55 25.64 17.26
CA LEU B 48 0.41 26.86 18.03
C LEU B 48 0.05 26.57 19.50
N THR B 49 -0.91 25.68 19.73
CA THR B 49 -1.29 25.29 21.08
C THR B 49 -0.05 24.74 21.83
N HIS B 50 0.72 23.87 21.19
CA HIS B 50 1.93 23.30 21.80
C HIS B 50 2.94 24.36 22.17
N GLN B 51 3.18 25.29 21.24
CA GLN B 51 4.16 26.33 21.42
C GLN B 51 3.78 27.28 22.57
N LEU B 52 2.52 27.67 22.62
CA LEU B 52 2.08 28.60 23.65
C LEU B 52 2.12 27.92 25.02
N GLU B 53 1.77 26.63 25.08
CA GLU B 53 1.91 25.87 26.30
C GLU B 53 3.36 25.83 26.75
N LYS B 54 4.26 25.55 25.81
CA LYS B 54 5.70 25.53 26.09
C LYS B 54 6.19 26.87 26.67
N ASP B 55 5.73 27.98 26.11
CA ASP B 55 6.16 29.30 26.59
C ASP B 55 5.60 29.64 27.98
N LEU B 56 4.51 29.00 28.39
CA LEU B 56 3.96 29.22 29.73
C LEU B 56 4.60 28.35 30.80
N GLN B 57 5.23 27.27 30.36
CA GLN B 57 5.80 26.29 31.27
C GLN B 57 6.74 26.90 32.39
N PRO B 58 7.66 27.82 32.05
CA PRO B 58 8.51 28.43 33.07
C PRO B 58 7.75 29.15 34.18
N PHE B 59 6.49 29.52 33.93
CA PHE B 59 5.67 30.15 34.95
C PHE B 59 4.85 29.12 35.71
N GLY B 60 4.97 27.85 35.37
CA GLY B 60 4.19 26.82 36.06
C GLY B 60 2.71 26.81 35.71
N LEU B 61 2.34 27.34 34.53
CA LEU B 61 0.93 27.46 34.09
C LEU B 61 0.68 26.67 32.81
N THR B 62 -0.48 26.05 32.70
CA THR B 62 -0.97 25.45 31.45
C THR B 62 -1.82 26.49 30.71
N MET B 63 -2.17 26.22 29.44
CA MET B 63 -3.03 27.14 28.72
CA MET B 63 -3.04 27.14 28.70
C MET B 63 -4.45 27.15 29.33
N ASN B 64 -4.90 26.00 29.83
CA ASN B 64 -6.19 25.95 30.53
C ASN B 64 -6.22 26.88 31.76
N ASP B 65 -5.12 26.89 32.53
CA ASP B 65 -5.01 27.78 33.67
C ASP B 65 -5.12 29.22 33.20
N TYR B 66 -4.32 29.55 32.20
CA TYR B 66 -4.24 30.90 31.70
C TYR B 66 -5.59 31.40 31.19
N GLU B 67 -6.30 30.58 30.45
CA GLU B 67 -7.62 30.93 29.92
C GLU B 67 -8.61 31.31 31.08
N ILE B 68 -8.55 30.59 32.19
CA ILE B 68 -9.39 30.90 33.34
C ILE B 68 -8.94 32.21 33.97
N LEU B 69 -7.61 32.42 34.10
CA LEU B 69 -7.10 33.68 34.65
C LEU B 69 -7.59 34.86 33.82
N VAL B 70 -7.55 34.72 32.50
CA VAL B 70 -8.01 35.77 31.63
C VAL B 70 -9.49 36.06 31.84
N ASN B 71 -10.31 35.02 31.79
CA ASN B 71 -11.77 35.21 31.94
C ASN B 71 -12.12 35.88 33.27
N LEU B 72 -11.52 35.43 34.36
CA LEU B 72 -11.78 36.05 35.64
C LEU B 72 -11.28 37.49 35.70
N SER B 73 -10.09 37.77 35.17
CA SER B 73 -9.51 39.10 35.31
C SER B 73 -10.25 40.12 34.48
N GLU B 74 -10.96 39.67 33.44
CA GLU B 74 -11.76 40.55 32.62
C GLU B 74 -13.23 40.62 33.07
N SER B 75 -13.58 39.97 34.17
CA SER B 75 -14.92 40.09 34.74
C SER B 75 -14.98 41.13 35.86
N GLU B 76 -16.17 41.64 36.08
CA GLU B 76 -16.39 42.60 37.12
C GLU B 76 -16.06 41.94 38.46
N GLY B 77 -15.25 42.63 39.25
CA GLY B 77 -14.84 42.11 40.57
C GLY B 77 -13.87 40.93 40.51
N ASP B 78 -13.35 40.63 39.32
CA ASP B 78 -12.45 39.50 39.12
C ASP B 78 -13.06 38.18 39.67
N ARG B 79 -14.34 37.98 39.38
CA ARG B 79 -15.02 36.75 39.76
C ARG B 79 -16.12 36.49 38.73
N MET B 80 -16.50 35.21 38.59
CA MET B 80 -17.57 34.79 37.67
C MET B 80 -18.29 33.64 38.33
N ARG B 81 -19.60 33.56 38.10
CA ARG B 81 -20.35 32.37 38.47
C ARG B 81 -19.75 31.18 37.75
N MET B 82 -19.62 30.05 38.43
CA MET B 82 -19.09 28.83 37.82
C MET B 82 -19.89 28.48 36.54
N SER B 83 -21.22 28.58 36.56
CA SER B 83 -22.02 28.23 35.36
C SER B 83 -21.68 29.15 34.16
N ASP B 84 -21.42 30.43 34.43
CA ASP B 84 -21.01 31.39 33.38
C ASP B 84 -19.62 31.10 32.89
N LEU B 85 -18.74 30.71 33.82
CA LEU B 85 -17.38 30.35 33.46
C LEU B 85 -17.33 29.05 32.61
N ALA B 86 -18.17 28.07 32.95
CA ALA B 86 -18.33 26.84 32.13
C ALA B 86 -18.73 27.19 30.69
N THR B 87 -19.72 28.07 30.55
CA THR B 87 -20.18 28.51 29.24
C THR B 87 -19.12 29.30 28.47
N ALA B 88 -18.42 30.20 29.17
CA ALA B 88 -17.38 31.04 28.57
C ALA B 88 -16.18 30.21 28.10
N THR B 89 -15.85 29.12 28.78
CA THR B 89 -14.74 28.29 28.38
C THR B 89 -15.22 27.05 27.61
N MET B 90 -16.51 27.03 27.26
CA MET B 90 -17.20 25.92 26.56
C MET B 90 -16.78 24.53 27.03
N GLN B 91 -16.95 24.27 28.33
CA GLN B 91 -16.71 22.94 28.89
C GLN B 91 -17.78 22.54 29.89
N SER B 92 -17.80 21.24 30.21
CA SER B 92 -18.78 20.70 31.12
C SER B 92 -18.53 21.16 32.55
N LYS B 93 -19.58 21.11 33.35
CA LYS B 93 -19.50 21.42 34.77
C LYS B 93 -18.41 20.58 35.43
N SER B 94 -18.35 19.28 35.10
CA SER B 94 -17.39 18.36 35.72
C SER B 94 -15.94 18.65 35.29
N ARG B 95 -15.70 18.90 34.00
CA ARG B 95 -14.36 19.26 33.54
C ARG B 95 -13.87 20.58 34.16
N LEU B 96 -14.75 21.59 34.20
CA LEU B 96 -14.37 22.85 34.83
C LEU B 96 -14.04 22.63 36.31
N SER B 97 -14.84 21.82 36.99
CA SER B 97 -14.66 21.59 38.40
C SER B 97 -13.27 21.02 38.68
N HIS B 98 -12.82 20.06 37.88
CA HIS B 98 -11.49 19.46 38.05
C HIS B 98 -10.40 20.46 37.83
N GLN B 99 -10.56 21.33 36.83
CA GLN B 99 -9.61 22.39 36.57
C GLN B 99 -9.57 23.42 37.72
N ILE B 100 -10.74 23.79 38.23
CA ILE B 100 -10.76 24.76 39.33
C ILE B 100 -10.10 24.16 40.57
N THR B 101 -10.34 22.88 40.84
CA THR B 101 -9.69 22.23 41.96
C THR B 101 -8.18 22.38 41.85
N ARG B 102 -7.63 22.11 40.68
CA ARG B 102 -6.21 22.28 40.46
C ARG B 102 -5.76 23.73 40.71
N MET B 103 -6.54 24.70 40.25
CA MET B 103 -6.15 26.08 40.38
C MET B 103 -6.29 26.55 41.83
N GLU B 104 -7.22 25.94 42.54
CA GLU B 104 -7.43 26.21 43.96
C GLU B 104 -6.25 25.66 44.78
N ASN B 105 -5.84 24.44 44.46
CA ASN B 105 -4.65 23.87 45.06
C ASN B 105 -3.40 24.76 44.81
N ALA B 106 -3.34 25.43 43.66
CA ALA B 106 -2.27 26.40 43.34
C ALA B 106 -2.50 27.85 43.87
N ASN B 107 -3.59 28.07 44.61
CA ASN B 107 -3.94 29.38 45.18
C ASN B 107 -4.08 30.47 44.13
N LEU B 108 -4.52 30.10 42.92
CA LEU B 108 -4.79 31.05 41.86
C LEU B 108 -6.25 31.52 41.83
N VAL B 109 -7.16 30.62 42.22
CA VAL B 109 -8.59 30.90 42.29
C VAL B 109 -9.12 30.29 43.60
N ARG B 110 -10.23 30.80 44.10
CA ARG B 110 -10.96 30.17 45.18
C ARG B 110 -12.41 29.99 44.75
N ARG B 111 -13.03 28.89 45.18
CA ARG B 111 -14.47 28.74 45.00
C ARG B 111 -15.13 29.40 46.18
N GLU B 112 -16.18 30.16 45.91
CA GLU B 112 -16.85 30.87 46.96
C GLU B 112 -18.33 30.94 46.64
N ASN B 113 -19.15 30.56 47.62
CA ASN B 113 -20.57 30.88 47.65
C ASN B 113 -20.69 32.32 48.21
N CYS B 114 -20.51 33.28 47.33
CA CYS B 114 -20.50 34.69 47.72
C CYS B 114 -21.91 35.11 48.05
N GLU B 115 -22.11 35.86 49.12
CA GLU B 115 -23.46 36.37 49.44
C GLU B 115 -23.91 37.17 48.24
N SER B 116 -25.12 36.89 47.77
CA SER B 116 -25.63 37.46 46.53
C SER B 116 -27.17 37.34 46.50
N ASP B 117 -27.84 38.16 45.72
CA ASP B 117 -29.28 38.01 45.54
C ASP B 117 -29.67 36.71 44.79
N ARG B 118 -28.77 36.26 43.91
CA ARG B 118 -28.91 35.03 43.12
C ARG B 118 -27.89 34.01 43.66
N ARG B 119 -28.37 33.02 44.41
CA ARG B 119 -27.45 32.01 44.96
C ARG B 119 -26.66 31.34 43.85
N GLY B 120 -25.45 30.89 44.14
CA GLY B 120 -24.65 30.22 43.14
C GLY B 120 -23.19 30.24 43.51
N LEU B 121 -22.42 29.30 42.99
CA LEU B 121 -20.99 29.24 43.26
C LEU B 121 -20.19 30.14 42.30
N PHE B 122 -19.19 30.85 42.83
CA PHE B 122 -18.32 31.74 42.06
C PHE B 122 -16.90 31.18 42.06
N ALA B 123 -16.19 31.43 40.96
CA ALA B 123 -14.75 31.29 40.88
C ALA B 123 -14.21 32.72 41.04
N VAL B 124 -13.33 32.90 42.02
CA VAL B 124 -12.82 34.21 42.41
C VAL B 124 -11.31 34.16 42.26
N LEU B 125 -10.77 35.12 41.50
CA LEU B 125 -9.35 35.28 41.35
C LEU B 125 -8.78 35.65 42.73
N THR B 126 -7.77 34.92 43.17
CA THR B 126 -7.06 35.33 44.39
C THR B 126 -6.04 36.42 44.10
N GLU B 127 -5.52 37.04 45.16
CA GLU B 127 -4.45 38.04 45.02
C GLU B 127 -3.24 37.41 44.32
N HIS B 128 -2.94 36.16 44.63
CA HIS B 128 -1.83 35.49 43.95
C HIS B 128 -2.14 35.26 42.50
N GLY B 129 -3.38 34.90 42.21
CA GLY B 129 -3.85 34.79 40.81
C GLY B 129 -3.68 36.09 40.01
N LEU B 130 -4.07 37.19 40.64
CA LEU B 130 -4.00 38.48 39.99
C LEU B 130 -2.54 38.87 39.74
N GLU B 131 -1.69 38.61 40.71
CA GLU B 131 -0.28 38.96 40.56
C GLU B 131 0.36 38.08 39.50
N THR B 132 -0.03 36.80 39.47
CA THR B 132 0.47 35.87 38.48
C THR B 132 0.05 36.35 37.09
N MET B 133 -1.19 36.72 36.95
CA MET B 133 -1.68 37.30 35.68
C MET B 133 -0.87 38.52 35.25
N ARG B 134 -0.63 39.45 36.18
CA ARG B 134 0.15 40.66 35.88
C ARG B 134 1.58 40.35 35.48
N LYS B 135 2.19 39.36 36.13
CA LYS B 135 3.54 38.93 35.77
C LYS B 135 3.60 38.25 34.37
N VAL B 136 2.66 37.37 34.09
CA VAL B 136 2.73 36.48 32.91
C VAL B 136 2.18 37.12 31.62
N ALA B 137 1.16 37.96 31.75
CA ALA B 137 0.48 38.54 30.61
C ALA B 137 1.45 39.18 29.56
N PRO B 138 2.42 40.02 29.99
CA PRO B 138 3.38 40.61 29.02
C PRO B 138 4.15 39.57 28.21
N HIS B 139 4.54 38.48 28.86
CA HIS B 139 5.27 37.43 28.17
C HIS B 139 4.36 36.70 27.24
N HIS B 140 3.13 36.41 27.68
CA HIS B 140 2.20 35.68 26.84
C HIS B 140 1.86 36.51 25.61
N VAL B 141 1.63 37.81 25.77
CA VAL B 141 1.33 38.64 24.60
C VAL B 141 2.51 38.66 23.64
N ALA B 142 3.74 38.72 24.16
CA ALA B 142 4.94 38.65 23.30
C ALA B 142 5.02 37.35 22.51
N SER B 143 4.61 36.26 23.14
CA SER B 143 4.54 34.99 22.48
CA SER B 143 4.53 34.95 22.48
C SER B 143 3.45 34.90 21.40
N VAL B 144 2.26 35.42 21.71
CA VAL B 144 1.14 35.47 20.76
C VAL B 144 1.57 36.31 19.55
N ARG B 145 2.29 37.40 19.80
CA ARG B 145 2.82 38.24 18.69
C ARG B 145 3.86 37.49 17.85
N ARG B 146 4.89 36.93 18.47
CA ARG B 146 5.97 36.30 17.71
C ARG B 146 5.58 35.03 16.92
N HIS B 147 4.63 34.26 17.46
CA HIS B 147 4.16 33.03 16.81
C HIS B 147 2.91 33.17 16.01
N PHE B 148 2.27 34.34 16.01
CA PHE B 148 1.00 34.47 15.29
C PHE B 148 0.68 35.85 14.81
N ILE B 149 0.37 36.77 15.73
CA ILE B 149 -0.13 38.07 15.35
C ILE B 149 0.83 38.92 14.52
N ASP B 150 2.09 38.96 14.87
CA ASP B 150 3.04 39.75 14.10
C ASP B 150 3.46 39.07 12.78
N LEU B 151 2.95 37.89 12.52
CA LEU B 151 3.18 37.14 11.27
C LEU B 151 2.03 37.31 10.28
N LEU B 152 0.98 38.04 10.67
CA LEU B 152 -0.21 38.22 9.82
C LEU B 152 -0.28 39.64 9.33
N ALA B 153 -0.51 39.79 8.05
CA ALA B 153 -0.75 41.11 7.46
C ALA B 153 -2.10 41.63 8.02
N PRO B 154 -2.26 42.95 8.19
CA PRO B 154 -3.53 43.54 8.64
C PRO B 154 -4.74 43.04 7.85
N GLU B 155 -4.62 42.89 6.55
CA GLU B 155 -5.72 42.41 5.73
C GLU B 155 -6.15 40.97 6.13
N ASP B 156 -5.18 40.12 6.42
CA ASP B 156 -5.47 38.72 6.78
C ASP B 156 -6.04 38.61 8.20
N LEU B 157 -5.62 39.49 9.07
CA LEU B 157 -6.19 39.64 10.39
C LEU B 157 -7.73 39.98 10.39
N THR B 158 -8.11 40.96 9.59
CA THR B 158 -9.51 41.31 9.34
C THR B 158 -10.32 40.16 8.72
N GLU B 159 -9.71 39.54 7.73
CA GLU B 159 -10.28 38.42 7.04
C GLU B 159 -10.48 37.17 7.89
N LEU B 160 -9.47 36.84 8.69
CA LEU B 160 -9.55 35.78 9.66
C LEU B 160 -10.79 36.01 10.48
N ASP B 161 -10.90 37.21 11.02
CA ASP B 161 -11.99 37.51 11.92
C ASP B 161 -13.38 37.38 11.27
N LYS B 162 -13.54 37.98 10.09
CA LYS B 162 -14.82 37.93 9.37
C LYS B 162 -15.18 36.51 8.98
N ALA B 163 -14.19 35.73 8.53
CA ALA B 163 -14.44 34.38 8.07
C ALA B 163 -14.71 33.40 9.20
N LEU B 164 -14.02 33.58 10.33
CA LEU B 164 -14.12 32.64 11.40
C LEU B 164 -15.26 32.91 12.41
N LYS B 165 -15.72 34.16 12.52
CA LYS B 165 -16.79 34.49 13.46
C LYS B 165 -18.03 33.56 13.29
N PRO B 166 -18.53 33.38 12.05
CA PRO B 166 -19.67 32.48 11.83
C PRO B 166 -19.40 31.00 12.17
N ILE B 167 -18.15 30.58 12.06
CA ILE B 167 -17.77 29.23 12.47
C ILE B 167 -17.79 29.11 14.00
N ALA B 168 -17.29 30.12 14.71
CA ALA B 168 -17.38 30.18 16.17
C ALA B 168 -18.84 30.15 16.61
N GLU B 169 -19.69 30.91 15.93
CA GLU B 169 -21.11 30.95 16.21
C GLU B 169 -21.73 29.58 16.06
N HIS B 170 -21.47 28.95 14.93
CA HIS B 170 -22.00 27.61 14.67
C HIS B 170 -21.58 26.63 15.75
N LEU B 171 -20.29 26.65 16.10
CA LEU B 171 -19.77 25.72 17.08
C LEU B 171 -20.31 25.96 18.47
N ARG B 172 -20.48 27.22 18.85
CA ARG B 172 -21.09 27.56 20.14
CA ARG B 172 -21.11 27.53 20.13
C ARG B 172 -22.52 26.99 20.20
N GLY B 173 -23.25 27.05 19.09
CA GLY B 173 -24.63 26.56 19.03
C GLY B 173 -24.76 25.05 19.16
N GLN B 174 -23.68 24.31 18.96
CA GLN B 174 -23.73 22.85 19.07
C GLN B 174 -23.86 22.30 20.51
N ALA C 26 21.68 3.41 -13.90
CA ALA C 26 21.61 1.93 -13.85
C ALA C 26 20.28 1.43 -14.46
N THR C 27 19.32 1.01 -13.63
CA THR C 27 18.19 0.11 -14.09
C THR C 27 17.31 0.58 -15.27
N ARG C 28 17.23 -0.23 -16.32
CA ARG C 28 16.37 0.11 -17.45
C ARG C 28 15.00 -0.58 -17.32
N TRP C 29 14.10 0.03 -16.55
CA TRP C 29 12.78 -0.55 -16.28
C TRP C 29 12.03 -0.72 -17.55
N LEU C 30 11.15 -1.70 -17.62
CA LEU C 30 10.40 -1.90 -18.84
C LEU C 30 9.45 -0.72 -19.05
N THR C 31 9.32 -0.28 -20.30
CA THR C 31 8.35 0.73 -20.66
C THR C 31 6.99 0.09 -20.58
N ASP C 32 5.93 0.91 -20.65
CA ASP C 32 4.57 0.35 -20.66
C ASP C 32 4.37 -0.64 -21.81
N THR C 33 4.86 -0.30 -23.00
CA THR C 33 4.71 -1.18 -24.17
C THR C 33 5.44 -2.48 -23.97
N GLU C 34 6.68 -2.41 -23.47
CA GLU C 34 7.49 -3.61 -23.21
C GLU C 34 6.86 -4.48 -22.13
N GLN C 35 6.40 -3.86 -21.04
CA GLN C 35 5.79 -4.59 -19.94
C GLN C 35 4.53 -5.34 -20.35
N CYS C 36 3.69 -4.68 -21.12
CA CYS C 36 2.47 -5.31 -21.63
CA CYS C 36 2.45 -5.30 -21.63
C CYS C 36 2.77 -6.53 -22.50
N ALA C 37 3.71 -6.37 -23.41
CA ALA C 37 4.09 -7.46 -24.29
C ALA C 37 4.71 -8.61 -23.48
N TRP C 38 5.59 -8.28 -22.54
CA TRP C 38 6.20 -9.29 -21.68
C TRP C 38 5.18 -10.07 -20.89
N ARG C 39 4.24 -9.38 -20.30
CA ARG C 39 3.23 -10.03 -19.47
C ARG C 39 2.24 -10.87 -20.26
N THR C 40 1.95 -10.44 -21.48
CA THR C 40 1.14 -11.23 -22.38
C THR C 40 1.85 -12.52 -22.74
N HIS C 41 3.14 -12.44 -23.06
CA HIS C 41 3.94 -13.65 -23.32
CA HIS C 41 3.93 -13.64 -23.34
C HIS C 41 3.93 -14.62 -22.19
N LEU C 42 4.09 -14.12 -20.97
CA LEU C 42 4.07 -14.97 -19.80
C LEU C 42 2.70 -15.60 -19.57
N GLU C 43 1.64 -14.81 -19.71
CA GLU C 43 0.28 -15.26 -19.48
C GLU C 43 -0.05 -16.37 -20.51
N VAL C 44 0.25 -16.14 -21.79
CA VAL C 44 -0.01 -17.17 -22.79
C VAL C 44 0.76 -18.43 -22.53
N ASN C 45 2.06 -18.30 -22.23
CA ASN C 45 2.89 -19.45 -22.01
C ASN C 45 2.32 -20.31 -20.83
N ARG C 46 1.97 -19.65 -19.72
CA ARG C 46 1.41 -20.33 -18.55
C ARG C 46 0.05 -20.99 -18.83
N LEU C 47 -0.87 -20.23 -19.38
CA LEU C 47 -2.21 -20.75 -19.64
C LEU C 47 -2.20 -21.88 -20.67
N LEU C 48 -1.38 -21.75 -21.70
CA LEU C 48 -1.32 -22.75 -22.77
C LEU C 48 -0.74 -24.08 -22.28
N THR C 49 0.36 -24.01 -21.54
CA THR C 49 0.93 -25.19 -20.93
C THR C 49 -0.10 -25.93 -20.06
N HIS C 50 -0.82 -25.19 -19.20
CA HIS C 50 -1.86 -25.79 -18.35
CA HIS C 50 -1.87 -25.77 -18.35
C HIS C 50 -2.93 -26.46 -19.17
N GLN C 51 -3.38 -25.77 -20.20
CA GLN C 51 -4.47 -26.26 -21.03
C GLN C 51 -4.09 -27.54 -21.80
N LEU C 52 -2.89 -27.55 -22.37
CA LEU C 52 -2.46 -28.70 -23.12
C LEU C 52 -2.26 -29.90 -22.18
N GLU C 53 -1.76 -29.66 -20.97
CA GLU C 53 -1.68 -30.68 -19.91
C GLU C 53 -3.02 -31.26 -19.60
N LYS C 54 -3.97 -30.37 -19.36
CA LYS C 54 -5.35 -30.74 -19.10
C LYS C 54 -5.95 -31.62 -20.21
N ASP C 55 -5.71 -31.28 -21.46
CA ASP C 55 -6.22 -32.08 -22.57
C ASP C 55 -5.55 -33.47 -22.72
N LEU C 56 -4.33 -33.65 -22.19
CA LEU C 56 -3.68 -34.96 -22.19
C LEU C 56 -4.11 -35.85 -21.02
N GLN C 57 -4.66 -35.25 -19.97
CA GLN C 57 -5.05 -35.98 -18.74
C GLN C 57 -5.86 -37.25 -18.98
N PRO C 58 -6.89 -37.18 -19.83
CA PRO C 58 -7.70 -38.39 -20.09
C PRO C 58 -6.91 -39.58 -20.68
N PHE C 59 -5.75 -39.33 -21.25
CA PHE C 59 -4.89 -40.39 -21.73
C PHE C 59 -3.90 -40.86 -20.68
N GLY C 60 -3.91 -40.26 -19.50
CA GLY C 60 -2.96 -40.63 -18.46
C GLY C 60 -1.53 -40.21 -18.75
N LEU C 61 -1.34 -39.15 -19.54
CA LEU C 61 -0.02 -38.62 -19.87
C LEU C 61 0.15 -37.17 -19.39
N THR C 62 1.35 -36.81 -18.96
CA THR C 62 1.75 -35.42 -18.74
C THR C 62 2.36 -34.87 -20.02
N MET C 63 2.56 -33.56 -20.12
CA MET C 63 3.24 -33.00 -21.29
C MET C 63 4.69 -33.45 -21.35
N ASN C 64 5.34 -33.57 -20.20
CA ASN C 64 6.71 -34.07 -20.16
C ASN C 64 6.79 -35.47 -20.77
N ASP C 65 5.84 -36.35 -20.42
CA ASP C 65 5.78 -37.69 -21.02
C ASP C 65 5.64 -37.60 -22.55
N TYR C 66 4.67 -36.81 -22.99
CA TYR C 66 4.31 -36.69 -24.39
C TYR C 66 5.50 -36.18 -25.24
N GLU C 67 6.20 -35.18 -24.73
CA GLU C 67 7.32 -34.63 -25.49
C GLU C 67 8.46 -35.66 -25.67
N ILE C 68 8.65 -36.53 -24.69
CA ILE C 68 9.66 -37.58 -24.82
C ILE C 68 9.21 -38.60 -25.85
N LEU C 69 7.92 -38.95 -25.84
CA LEU C 69 7.41 -39.88 -26.82
C LEU C 69 7.65 -39.36 -28.21
N VAL C 70 7.40 -38.06 -28.41
CA VAL C 70 7.59 -37.45 -29.73
C VAL C 70 9.04 -37.45 -30.14
N ASN C 71 9.92 -37.01 -29.25
CA ASN C 71 11.36 -36.99 -29.56
C ASN C 71 11.90 -38.38 -29.93
N LEU C 72 11.53 -39.39 -29.16
CA LEU C 72 12.00 -40.74 -29.45
C LEU C 72 11.40 -41.24 -30.75
N SER C 73 10.12 -40.98 -31.01
CA SER C 73 9.49 -41.53 -32.20
C SER C 73 10.02 -40.90 -33.47
N GLU C 74 10.60 -39.70 -33.35
CA GLU C 74 11.18 -39.02 -34.50
C GLU C 74 12.67 -39.32 -34.69
N SER C 75 13.22 -40.20 -33.86
CA SER C 75 14.62 -40.64 -33.98
C SER C 75 14.78 -42.02 -34.62
N GLU C 76 15.94 -42.25 -35.23
CA GLU C 76 16.21 -43.55 -35.86
C GLU C 76 16.17 -44.62 -34.79
N GLY C 77 15.49 -45.72 -35.09
CA GLY C 77 15.29 -46.80 -34.12
C GLY C 77 14.47 -46.44 -32.90
N ASP C 78 13.77 -45.31 -32.96
CA ASP C 78 12.93 -44.86 -31.85
C ASP C 78 13.72 -44.83 -30.55
N ARG C 79 14.97 -44.39 -30.62
CA ARG C 79 15.83 -44.32 -29.45
C ARG C 79 16.81 -43.15 -29.57
N MET C 80 17.21 -42.60 -28.43
CA MET C 80 18.15 -41.48 -28.36
C MET C 80 19.07 -41.69 -27.18
N ARG C 81 20.31 -41.23 -27.28
CA ARG C 81 21.17 -41.11 -26.12
C ARG C 81 20.51 -40.22 -25.08
N MET C 82 20.62 -40.58 -23.80
CA MET C 82 20.05 -39.78 -22.73
C MET C 82 20.50 -38.33 -22.75
N SER C 83 21.80 -38.10 -22.98
CA SER C 83 22.32 -36.71 -23.02
C SER C 83 21.69 -35.90 -24.15
N ASP C 84 21.45 -36.52 -25.30
CA ASP C 84 20.79 -35.85 -26.44
C ASP C 84 19.32 -35.61 -26.13
N LEU C 85 18.68 -36.56 -25.46
CA LEU C 85 17.29 -36.43 -25.08
C LEU C 85 17.10 -35.29 -24.05
N ALA C 86 18.03 -35.20 -23.10
CA ALA C 86 18.04 -34.09 -22.13
C ALA C 86 18.09 -32.72 -22.84
N THR C 87 19.00 -32.59 -23.80
CA THR C 87 19.12 -31.37 -24.59
C THR C 87 17.87 -31.10 -25.45
N ALA C 88 17.32 -32.13 -26.08
CA ALA C 88 16.12 -32.00 -26.92
C ALA C 88 14.87 -31.58 -26.14
N THR C 89 14.77 -32.00 -24.89
CA THR C 89 13.63 -31.66 -24.05
C THR C 89 13.97 -30.55 -23.09
N MET C 90 15.14 -29.93 -23.31
CA MET C 90 15.63 -28.81 -22.53
C MET C 90 15.48 -28.98 -21.01
N GLN C 91 15.98 -30.10 -20.49
CA GLN C 91 16.02 -30.30 -19.04
C GLN C 91 17.36 -30.88 -18.60
N SER C 92 17.57 -30.86 -17.29
CA SER C 92 18.81 -31.40 -16.74
C SER C 92 18.86 -32.92 -16.84
N LYS C 93 20.09 -33.46 -16.77
CA LYS C 93 20.34 -34.90 -16.72
C LYS C 93 19.53 -35.55 -15.52
N SER C 94 19.50 -34.87 -14.36
CA SER C 94 18.80 -35.40 -13.17
C SER C 94 17.29 -35.39 -13.32
N ARG C 95 16.74 -34.29 -13.85
CA ARG C 95 15.29 -34.22 -14.10
C ARG C 95 14.88 -35.25 -15.12
N LEU C 96 15.64 -35.40 -16.20
CA LEU C 96 15.30 -36.42 -17.21
C LEU C 96 15.31 -37.83 -16.61
N SER C 97 16.30 -38.10 -15.76
CA SER C 97 16.43 -39.42 -15.13
C SER C 97 15.17 -39.79 -14.32
N HIS C 98 14.65 -38.85 -13.54
CA HIS C 98 13.41 -39.09 -12.77
C HIS C 98 12.25 -39.31 -13.69
N GLN C 99 12.18 -38.55 -14.78
CA GLN C 99 11.10 -38.69 -15.75
C GLN C 99 11.16 -40.05 -16.47
N ILE C 100 12.36 -40.48 -16.87
CA ILE C 100 12.49 -41.76 -17.54
C ILE C 100 12.06 -42.86 -16.60
N THR C 101 12.44 -42.77 -15.31
CA THR C 101 12.03 -43.80 -14.36
C THR C 101 10.50 -43.95 -14.31
N ARG C 102 9.80 -42.82 -14.27
CA ARG C 102 8.35 -42.81 -14.33
C ARG C 102 7.80 -43.45 -15.63
N MET C 103 8.43 -43.15 -16.75
CA MET C 103 7.95 -43.65 -18.03
C MET C 103 8.27 -45.14 -18.17
N GLU C 104 9.36 -45.56 -17.53
CA GLU C 104 9.75 -46.95 -17.50
C GLU C 104 8.71 -47.73 -16.69
N ASN C 105 8.32 -47.18 -15.53
CA ASN C 105 7.28 -47.80 -14.73
CA ASN C 105 7.26 -47.78 -14.72
C ASN C 105 5.95 -47.94 -15.52
N ALA C 106 5.67 -47.01 -16.43
CA ALA C 106 4.47 -47.11 -17.28
C ALA C 106 4.71 -47.91 -18.58
N ASN C 107 5.89 -48.52 -18.74
CA ASN C 107 6.24 -49.31 -19.91
C ASN C 107 6.17 -48.56 -21.27
N LEU C 108 6.47 -47.26 -21.20
CA LEU C 108 6.45 -46.40 -22.38
C LEU C 108 7.86 -46.31 -22.99
N VAL C 109 8.88 -46.40 -22.15
CA VAL C 109 10.28 -46.34 -22.56
C VAL C 109 11.04 -47.40 -21.76
N ARG C 110 12.19 -47.81 -22.29
CA ARG C 110 13.14 -48.65 -21.56
C ARG C 110 14.53 -48.02 -21.63
N ARG C 111 15.30 -48.09 -20.54
CA ARG C 111 16.73 -47.71 -20.57
C ARG C 111 17.51 -48.92 -21.08
N GLU C 112 18.41 -48.69 -22.02
CA GLU C 112 19.23 -49.76 -22.57
C GLU C 112 20.66 -49.27 -22.75
N ASN C 113 21.61 -50.15 -22.45
CA ASN C 113 23.00 -49.83 -22.66
C ASN C 113 23.42 -49.85 -24.12
N CYS C 114 24.11 -48.79 -24.53
CA CYS C 114 24.57 -48.66 -25.91
C CYS C 114 25.87 -49.39 -26.06
N GLU C 115 25.95 -50.27 -27.06
CA GLU C 115 27.11 -51.18 -27.17
C GLU C 115 28.19 -50.71 -28.16
N SER C 116 28.10 -49.47 -28.67
CA SER C 116 29.23 -48.89 -29.43
C SER C 116 30.42 -48.51 -28.53
N ASP C 117 31.49 -48.04 -29.14
CA ASP C 117 32.63 -47.55 -28.36
C ASP C 117 32.25 -46.33 -27.49
N ARG C 118 31.18 -45.63 -27.85
CA ARG C 118 30.70 -44.50 -27.02
C ARG C 118 30.00 -44.89 -25.70
N ARG C 119 29.43 -46.08 -25.63
CA ARG C 119 28.77 -46.55 -24.41
C ARG C 119 27.67 -45.56 -23.96
N GLY C 120 27.37 -45.41 -22.66
CA GLY C 120 26.26 -44.51 -22.24
C GLY C 120 24.93 -45.20 -22.46
N LEU C 121 23.85 -44.61 -21.96
CA LEU C 121 22.51 -45.17 -22.12
C LEU C 121 21.72 -44.59 -23.28
N PHE C 122 20.82 -45.43 -23.77
CA PHE C 122 19.77 -45.03 -24.67
C PHE C 122 18.44 -45.05 -23.88
N ALA C 123 17.56 -44.12 -24.22
CA ALA C 123 16.12 -44.25 -23.96
C ALA C 123 15.55 -44.82 -25.23
N VAL C 124 14.82 -45.93 -25.11
CA VAL C 124 14.22 -46.62 -26.23
C VAL C 124 12.71 -46.66 -26.03
N LEU C 125 11.97 -46.23 -27.06
CA LEU C 125 10.53 -46.28 -27.05
C LEU C 125 10.06 -47.73 -27.17
N THR C 126 9.18 -48.14 -26.25
CA THR C 126 8.62 -49.48 -26.34
C THR C 126 7.50 -49.50 -27.39
N GLU C 127 7.09 -50.70 -27.78
CA GLU C 127 5.93 -50.84 -28.63
C GLU C 127 4.72 -50.16 -27.97
N HIS C 128 4.56 -50.31 -26.66
CA HIS C 128 3.45 -49.67 -25.96
C HIS C 128 3.56 -48.15 -26.04
N GLY C 129 4.78 -47.65 -25.93
CA GLY C 129 5.02 -46.22 -26.10
C GLY C 129 4.69 -45.68 -27.46
N LEU C 130 5.09 -46.43 -28.49
CA LEU C 130 4.80 -46.07 -29.86
C LEU C 130 3.29 -46.08 -30.14
N GLU C 131 2.61 -47.09 -29.65
CA GLU C 131 1.17 -47.18 -29.85
C GLU C 131 0.44 -46.06 -29.10
N THR C 132 0.95 -45.73 -27.92
CA THR C 132 0.37 -44.64 -27.09
C THR C 132 0.54 -43.31 -27.83
N MET C 133 1.73 -43.06 -28.34
CA MET C 133 1.94 -41.88 -29.16
C MET C 133 1.02 -41.81 -30.38
N ARG C 134 0.86 -42.91 -31.11
CA ARG C 134 -0.03 -42.93 -32.27
C ARG C 134 -1.49 -42.64 -31.90
N LYS C 135 -1.93 -43.16 -30.74
CA LYS C 135 -3.29 -42.92 -30.24
C LYS C 135 -3.48 -41.45 -29.84
N VAL C 136 -2.52 -40.88 -29.13
CA VAL C 136 -2.67 -39.52 -28.56
C VAL C 136 -2.38 -38.37 -29.55
N ALA C 137 -1.46 -38.58 -30.48
CA ALA C 137 -1.01 -37.51 -31.37
C ALA C 137 -2.14 -36.72 -32.05
N PRO C 138 -3.15 -37.42 -32.64
CA PRO C 138 -4.27 -36.73 -33.29
C PRO C 138 -5.04 -35.81 -32.34
N HIS C 139 -5.21 -36.25 -31.10
CA HIS C 139 -5.88 -35.41 -30.11
C HIS C 139 -5.00 -34.25 -29.71
N HIS C 140 -3.72 -34.47 -29.50
CA HIS C 140 -2.81 -33.38 -29.14
C HIS C 140 -2.72 -32.34 -30.25
N VAL C 141 -2.62 -32.77 -31.49
CA VAL C 141 -2.58 -31.81 -32.58
C VAL C 141 -3.89 -30.99 -32.71
N ALA C 142 -5.05 -31.63 -32.49
CA ALA C 142 -6.32 -30.93 -32.42
C ALA C 142 -6.34 -29.88 -31.30
N SER C 143 -5.73 -30.21 -30.17
CA SER C 143 -5.59 -29.26 -29.05
CA SER C 143 -5.61 -29.29 -29.03
C SER C 143 -4.65 -28.10 -29.35
N VAL C 144 -3.48 -28.39 -29.95
CA VAL C 144 -2.54 -27.34 -30.38
C VAL C 144 -3.22 -26.40 -31.35
N ARG C 145 -3.99 -26.95 -32.26
CA ARG C 145 -4.73 -26.13 -33.24
C ARG C 145 -5.77 -25.26 -32.54
N ARG C 146 -6.64 -25.87 -31.71
CA ARG C 146 -7.78 -25.09 -31.15
C ARG C 146 -7.34 -24.01 -30.15
N HIS C 147 -6.25 -24.26 -29.43
CA HIS C 147 -5.75 -23.32 -28.43
C HIS C 147 -4.62 -22.42 -28.90
N PHE C 148 -4.11 -22.62 -30.09
CA PHE C 148 -2.97 -21.79 -30.55
C PHE C 148 -2.87 -21.60 -32.05
N ILE C 149 -2.54 -22.64 -32.78
CA ILE C 149 -2.21 -22.52 -34.18
C ILE C 149 -3.38 -22.01 -35.05
N ASP C 150 -4.60 -22.50 -34.81
CA ASP C 150 -5.71 -22.05 -35.63
C ASP C 150 -6.23 -20.69 -35.21
N LEU C 151 -5.62 -20.11 -34.17
CA LEU C 151 -5.93 -18.76 -33.67
C LEU C 151 -4.93 -17.69 -34.15
N LEU C 152 -3.95 -18.10 -34.94
CA LEU C 152 -2.98 -17.18 -35.51
C LEU C 152 -3.17 -17.00 -37.00
N ALA C 153 -3.19 -15.76 -37.44
CA ALA C 153 -3.18 -15.45 -38.86
C ALA C 153 -1.87 -15.95 -39.43
N PRO C 154 -1.86 -16.44 -40.67
CA PRO C 154 -0.62 -16.83 -41.35
C PRO C 154 0.52 -15.81 -41.27
N GLU C 155 0.22 -14.53 -41.42
CA GLU C 155 1.23 -13.49 -41.29
C GLU C 155 1.88 -13.44 -39.88
N ASP C 156 1.06 -13.56 -38.85
CA ASP C 156 1.54 -13.53 -37.45
C ASP C 156 2.34 -14.79 -37.10
N LEU C 157 1.94 -15.92 -37.66
CA LEU C 157 2.69 -17.15 -37.56
C LEU C 157 4.12 -17.08 -38.12
N THR C 158 4.26 -16.57 -39.33
CA THR C 158 5.55 -16.32 -39.94
C THR C 158 6.41 -15.34 -39.14
N GLU C 159 5.77 -14.24 -38.70
CA GLU C 159 6.44 -13.16 -37.98
C GLU C 159 6.89 -13.62 -36.59
N LEU C 160 6.05 -14.36 -35.90
CA LEU C 160 6.40 -14.97 -34.65
C LEU C 160 7.65 -15.84 -34.83
N ASP C 161 7.63 -16.72 -35.84
CA ASP C 161 8.75 -17.62 -36.07
C ASP C 161 10.10 -16.88 -36.36
N LYS C 162 10.05 -15.89 -37.23
CA LYS C 162 11.24 -15.10 -37.59
C LYS C 162 11.77 -14.33 -36.36
N ALA C 163 10.87 -13.80 -35.55
CA ALA C 163 11.23 -13.02 -34.39
C ALA C 163 11.77 -13.85 -33.26
N LEU C 164 11.19 -15.04 -33.06
CA LEU C 164 11.59 -15.91 -31.97
C LEU C 164 12.81 -16.80 -32.22
N LYS C 165 13.07 -17.13 -33.48
CA LYS C 165 14.23 -18.03 -33.80
C LYS C 165 15.56 -17.54 -33.18
N PRO C 166 15.91 -16.25 -33.33
CA PRO C 166 17.13 -15.71 -32.67
C PRO C 166 17.10 -15.72 -31.14
N ILE C 167 15.92 -15.67 -30.54
CA ILE C 167 15.80 -15.80 -29.09
C ILE C 167 16.09 -17.24 -28.66
N ALA C 168 15.57 -18.21 -29.40
CA ALA C 168 15.88 -19.62 -29.19
C ALA C 168 17.39 -19.85 -29.30
N GLU C 169 17.99 -19.25 -30.32
CA GLU C 169 19.43 -19.37 -30.54
C GLU C 169 20.22 -18.83 -29.37
N HIS C 170 19.90 -17.61 -28.96
CA HIS C 170 20.54 -17.02 -27.80
C HIS C 170 20.42 -17.93 -26.59
N LEU C 171 19.21 -18.43 -26.32
CA LEU C 171 18.98 -19.22 -25.11
C LEU C 171 19.69 -20.54 -25.15
N ARG C 172 19.78 -21.16 -26.34
CA ARG C 172 20.49 -22.40 -26.50
C ARG C 172 21.97 -22.21 -26.19
N GLY C 173 22.52 -21.06 -26.59
CA GLY C 173 23.93 -20.72 -26.36
C GLY C 173 24.31 -20.49 -24.91
N GLN C 174 23.35 -20.27 -24.01
CA GLN C 174 23.66 -20.16 -22.56
C GLN C 174 24.01 -21.52 -21.95
N THR D 27 -7.81 -35.97 -39.51
CA THR D 27 -6.72 -35.28 -38.70
C THR D 27 -5.93 -34.25 -39.54
N ARG D 28 -5.96 -33.00 -39.13
CA ARG D 28 -5.22 -31.97 -39.84
C ARG D 28 -3.84 -31.77 -39.24
N TRP D 29 -2.88 -32.58 -39.69
CA TRP D 29 -1.48 -32.51 -39.18
C TRP D 29 -0.93 -31.16 -39.45
N LEU D 30 -0.01 -30.70 -38.61
CA LEU D 30 0.55 -29.39 -38.84
C LEU D 30 1.37 -29.39 -40.14
N THR D 31 1.28 -28.30 -40.88
CA THR D 31 2.12 -28.11 -42.05
C THR D 31 3.53 -27.84 -41.56
N ASP D 32 4.49 -27.86 -42.49
CA ASP D 32 5.87 -27.55 -42.14
C ASP D 32 5.98 -26.17 -41.48
N THR D 33 5.29 -25.18 -42.06
CA THR D 33 5.33 -23.83 -41.50
C THR D 33 4.72 -23.78 -40.10
N GLU D 34 3.56 -24.39 -39.92
CA GLU D 34 2.90 -24.42 -38.62
C GLU D 34 3.75 -25.15 -37.56
N GLN D 35 4.31 -26.31 -37.94
CA GLN D 35 5.13 -27.09 -37.01
C GLN D 35 6.36 -26.33 -36.54
N CYS D 36 7.04 -25.66 -37.46
CA CYS D 36 8.21 -24.87 -37.14
CA CYS D 36 8.22 -24.88 -37.13
C CYS D 36 7.88 -23.77 -36.16
N ALA D 37 6.80 -23.05 -36.42
CA ALA D 37 6.37 -21.97 -35.52
C ALA D 37 6.00 -22.53 -34.15
N TRP D 38 5.26 -23.64 -34.12
CA TRP D 38 4.87 -24.25 -32.87
C TRP D 38 6.07 -24.69 -32.05
N ARG D 39 7.01 -25.34 -32.68
CA ARG D 39 8.17 -25.84 -31.97
C ARG D 39 9.11 -24.73 -31.51
N THR D 40 9.20 -23.66 -32.28
CA THR D 40 9.95 -22.49 -31.86
C THR D 40 9.32 -21.86 -30.63
N HIS D 41 7.99 -21.69 -30.64
CA HIS D 41 7.27 -21.22 -29.44
CA HIS D 41 7.29 -21.18 -29.45
C HIS D 41 7.53 -22.03 -28.22
N LEU D 42 7.48 -23.37 -28.37
CA LEU D 42 7.73 -24.28 -27.26
C LEU D 42 9.16 -24.20 -26.75
N GLU D 43 10.11 -24.16 -27.67
CA GLU D 43 11.52 -24.11 -27.34
C GLU D 43 11.81 -22.83 -26.56
N VAL D 44 11.33 -21.68 -27.09
CA VAL D 44 11.57 -20.41 -26.39
C VAL D 44 10.96 -20.43 -25.01
N ASN D 45 9.71 -20.89 -24.90
CA ASN D 45 9.03 -20.90 -23.64
C ASN D 45 9.83 -21.69 -22.62
N ARG D 46 10.23 -22.89 -23.00
CA ARG D 46 10.89 -23.80 -22.08
C ARG D 46 12.24 -23.27 -21.68
N LEU D 47 13.02 -22.84 -22.66
CA LEU D 47 14.38 -22.35 -22.36
C LEU D 47 14.33 -21.09 -21.50
N LEU D 48 13.41 -20.20 -21.82
CA LEU D 48 13.32 -18.91 -21.12
C LEU D 48 12.88 -19.06 -19.67
N THR D 49 11.86 -19.89 -19.45
CA THR D 49 11.41 -20.19 -18.12
C THR D 49 12.57 -20.73 -17.29
N HIS D 50 13.30 -21.70 -17.83
CA HIS D 50 14.47 -22.27 -17.13
CA HIS D 50 14.42 -22.27 -17.07
C HIS D 50 15.49 -21.23 -16.79
N GLN D 51 15.82 -20.39 -17.78
CA GLN D 51 16.86 -19.39 -17.62
C GLN D 51 16.50 -18.33 -16.56
N LEU D 52 15.27 -17.87 -16.57
CA LEU D 52 14.85 -16.86 -15.61
C LEU D 52 14.81 -17.46 -14.20
N GLU D 53 14.38 -18.71 -14.06
CA GLU D 53 14.45 -19.41 -12.77
C GLU D 53 15.89 -19.50 -12.31
N LYS D 54 16.77 -19.91 -13.23
CA LYS D 54 18.20 -20.02 -12.92
C LYS D 54 18.75 -18.69 -12.42
N ASP D 55 18.37 -17.58 -13.04
CA ASP D 55 18.87 -16.26 -12.63
C ASP D 55 18.35 -15.82 -11.27
N LEU D 56 17.20 -16.35 -10.83
CA LEU D 56 16.69 -16.04 -9.48
C LEU D 56 17.32 -16.87 -8.37
N GLN D 57 17.87 -18.01 -8.74
CA GLN D 57 18.36 -18.98 -7.77
C GLN D 57 19.32 -18.38 -6.72
N PRO D 58 20.29 -17.53 -7.12
CA PRO D 58 21.20 -16.92 -6.14
C PRO D 58 20.50 -16.08 -5.06
N PHE D 59 19.28 -15.64 -5.32
CA PHE D 59 18.50 -14.94 -4.32
C PHE D 59 17.66 -15.86 -3.48
N GLY D 60 17.70 -17.16 -3.75
CA GLY D 60 16.88 -18.11 -2.98
C GLY D 60 15.38 -18.01 -3.26
N LEU D 61 15.01 -17.51 -4.44
CA LEU D 61 13.59 -17.38 -4.82
C LEU D 61 13.27 -18.24 -6.04
N THR D 62 12.07 -18.77 -6.08
CA THR D 62 11.53 -19.42 -7.30
C THR D 62 10.78 -18.34 -8.10
N MET D 63 10.46 -18.63 -9.35
CA MET D 63 9.65 -17.70 -10.13
C MET D 63 8.24 -17.56 -9.54
N ASN D 64 7.69 -18.66 -9.04
CA ASN D 64 6.41 -18.61 -8.37
C ASN D 64 6.42 -17.58 -7.21
N ASP D 65 7.48 -17.60 -6.40
CA ASP D 65 7.64 -16.66 -5.29
C ASP D 65 7.66 -15.24 -5.84
N TYR D 66 8.53 -15.02 -6.82
CA TYR D 66 8.75 -13.71 -7.38
C TYR D 66 7.47 -13.12 -7.98
N GLU D 67 6.69 -13.93 -8.70
CA GLU D 67 5.47 -13.41 -9.32
C GLU D 67 4.46 -12.95 -8.26
N ILE D 68 4.41 -13.61 -7.11
CA ILE D 68 3.54 -13.16 -6.04
C ILE D 68 4.03 -11.83 -5.44
N LEU D 69 5.35 -11.73 -5.23
CA LEU D 69 5.92 -10.49 -4.73
C LEU D 69 5.54 -9.34 -5.68
N VAL D 70 5.64 -9.55 -6.97
CA VAL D 70 5.33 -8.52 -7.95
C VAL D 70 3.90 -8.11 -7.91
N ASN D 71 3.00 -9.09 -7.94
CA ASN D 71 1.56 -8.83 -7.92
C ASN D 71 1.16 -8.03 -6.68
N LEU D 72 1.66 -8.44 -5.51
CA LEU D 72 1.38 -7.69 -4.27
C LEU D 72 1.95 -6.28 -4.30
N SER D 73 3.20 -6.12 -4.74
CA SER D 73 3.83 -4.84 -4.66
C SER D 73 3.21 -3.83 -5.62
N GLU D 74 2.53 -4.32 -6.68
CA GLU D 74 1.85 -3.44 -7.60
C GLU D 74 0.41 -3.16 -7.22
N SER D 75 -0.05 -3.72 -6.10
CA SER D 75 -1.43 -3.51 -5.64
C SER D 75 -1.50 -2.44 -4.57
N GLU D 76 -2.67 -1.82 -4.47
CA GLU D 76 -2.91 -0.81 -3.45
C GLU D 76 -2.72 -1.46 -2.08
N GLY D 77 -1.97 -0.79 -1.21
CA GLY D 77 -1.65 -1.33 0.11
C GLY D 77 -0.75 -2.54 0.17
N ASP D 78 -0.12 -2.87 -0.97
CA ASP D 78 0.73 -4.04 -1.09
C ASP D 78 0.02 -5.31 -0.61
N ARG D 79 -1.26 -5.44 -0.96
CA ARG D 79 -2.05 -6.59 -0.54
C ARG D 79 -3.09 -6.90 -1.61
N MET D 80 -3.49 -8.16 -1.68
CA MET D 80 -4.53 -8.63 -2.62
C MET D 80 -5.36 -9.69 -1.94
N ARG D 81 -6.65 -9.75 -2.27
CA ARG D 81 -7.49 -10.85 -1.88
C ARG D 81 -6.89 -12.15 -2.45
N MET D 82 -6.89 -13.21 -1.66
CA MET D 82 -6.40 -14.52 -2.13
C MET D 82 -7.06 -14.97 -3.45
N SER D 83 -8.37 -14.82 -3.58
CA SER D 83 -9.05 -15.25 -4.81
C SER D 83 -8.56 -14.46 -6.03
N ASP D 84 -8.29 -13.16 -5.85
CA ASP D 84 -7.73 -12.34 -6.95
C ASP D 84 -6.30 -12.75 -7.27
N LEU D 85 -5.54 -13.06 -6.23
CA LEU D 85 -4.17 -13.46 -6.41
C LEU D 85 -4.08 -14.84 -7.12
N ALA D 86 -4.99 -15.74 -6.78
CA ALA D 86 -5.13 -17.05 -7.48
C ALA D 86 -5.38 -16.85 -8.97
N THR D 87 -6.31 -15.97 -9.31
CA THR D 87 -6.59 -15.62 -10.70
C THR D 87 -5.39 -14.95 -11.41
N ALA D 88 -4.74 -14.01 -10.75
CA ALA D 88 -3.59 -13.29 -11.32
C ALA D 88 -2.40 -14.20 -11.59
N THR D 89 -2.20 -15.21 -10.76
CA THR D 89 -1.08 -16.13 -10.92
C THR D 89 -1.55 -17.42 -11.61
N MET D 90 -2.79 -17.42 -12.10
CA MET D 90 -3.40 -18.54 -12.80
C MET D 90 -3.21 -19.89 -12.12
N GLN D 91 -3.55 -19.98 -10.85
CA GLN D 91 -3.49 -21.27 -10.14
C GLN D 91 -4.70 -21.50 -9.22
N SER D 92 -4.87 -22.74 -8.79
CA SER D 92 -5.98 -23.12 -7.94
C SER D 92 -5.83 -22.53 -6.54
N LYS D 93 -6.96 -22.47 -5.84
CA LYS D 93 -6.99 -22.04 -4.44
C LYS D 93 -6.01 -22.88 -3.63
N SER D 94 -6.00 -24.20 -3.85
CA SER D 94 -5.17 -25.12 -3.05
C SER D 94 -3.69 -24.96 -3.34
N ARG D 95 -3.32 -24.86 -4.62
CA ARG D 95 -1.91 -24.61 -4.98
C ARG D 95 -1.43 -23.24 -4.44
N LEU D 96 -2.24 -22.20 -4.57
CA LEU D 96 -1.86 -20.88 -3.99
C LEU D 96 -1.67 -20.97 -2.48
N SER D 97 -2.56 -21.68 -1.82
CA SER D 97 -2.49 -21.80 -0.34
C SER D 97 -1.17 -22.41 0.12
N HIS D 98 -0.74 -23.48 -0.56
CA HIS D 98 0.54 -24.13 -0.23
C HIS D 98 1.70 -23.21 -0.50
N GLN D 99 1.65 -22.44 -1.59
CA GLN D 99 2.69 -21.47 -1.91
C GLN D 99 2.73 -20.34 -0.88
N ILE D 100 1.58 -19.83 -0.45
CA ILE D 100 1.56 -18.75 0.54
C ILE D 100 2.10 -19.25 1.86
N THR D 101 1.77 -20.48 2.25
CA THR D 101 2.36 -21.07 3.45
C THR D 101 3.90 -21.08 3.38
N ARG D 102 4.46 -21.50 2.24
CA ARG D 102 5.91 -21.45 2.01
C ARG D 102 6.46 -20.03 2.11
N MET D 103 5.77 -19.06 1.57
CA MET D 103 6.25 -17.70 1.58
C MET D 103 6.11 -17.09 2.97
N GLU D 104 5.12 -17.55 3.73
CA GLU D 104 4.91 -17.11 5.11
C GLU D 104 6.05 -17.65 5.98
N ASN D 105 6.38 -18.92 5.78
CA ASN D 105 7.54 -19.50 6.45
C ASN D 105 8.83 -18.76 6.12
N ALA D 106 8.96 -18.23 4.90
CA ALA D 106 10.14 -17.46 4.48
C ALA D 106 10.02 -15.95 4.83
N ASN D 107 8.95 -15.57 5.53
CA ASN D 107 8.70 -14.20 5.99
C ASN D 107 8.61 -13.18 4.86
N LEU D 108 8.06 -13.61 3.73
CA LEU D 108 7.87 -12.75 2.59
C LEU D 108 6.45 -12.15 2.53
N VAL D 109 5.47 -12.90 3.04
CA VAL D 109 4.07 -12.51 3.02
C VAL D 109 3.43 -12.89 4.36
N ARG D 110 2.31 -12.26 4.68
CA ARG D 110 1.44 -12.70 5.78
CA ARG D 110 1.44 -12.73 5.77
C ARG D 110 -0.01 -12.71 5.33
N ARG D 111 -0.82 -13.52 5.98
CA ARG D 111 -2.26 -13.57 5.76
CA ARG D 111 -2.27 -13.55 5.76
C ARG D 111 -2.99 -12.64 6.76
N GLU D 112 -4.00 -11.88 6.28
CA GLU D 112 -4.81 -10.99 7.12
C GLU D 112 -6.27 -11.09 6.72
N ASN D 113 -7.14 -11.17 7.72
CA ASN D 113 -8.54 -11.33 7.46
C ASN D 113 -9.20 -10.12 6.86
N CYS D 114 -10.06 -10.36 5.87
CA CYS D 114 -10.94 -9.33 5.36
C CYS D 114 -12.10 -9.16 6.33
N GLU D 115 -12.38 -7.93 6.75
CA GLU D 115 -13.41 -7.71 7.77
C GLU D 115 -14.76 -7.23 7.27
N SER D 116 -14.80 -6.72 6.04
CA SER D 116 -16.07 -6.34 5.38
C SER D 116 -16.71 -7.59 4.81
N ASP D 117 -15.87 -8.60 4.56
CA ASP D 117 -16.24 -9.88 4.01
C ASP D 117 -15.48 -10.99 4.79
N ARG D 118 -16.17 -11.63 5.77
CA ARG D 118 -15.59 -12.62 6.72
C ARG D 118 -15.13 -13.94 6.06
N ARG D 119 -15.75 -14.33 4.95
CA ARG D 119 -15.18 -15.39 4.06
C ARG D 119 -13.86 -14.94 3.36
N GLY D 120 -13.52 -13.65 3.47
CA GLY D 120 -12.39 -13.09 2.70
C GLY D 120 -11.03 -13.07 3.39
N LEU D 121 -9.95 -13.03 2.61
CA LEU D 121 -8.59 -13.15 3.17
C LEU D 121 -7.60 -12.46 2.23
N PHE D 122 -6.68 -11.69 2.81
CA PHE D 122 -5.69 -10.94 2.06
C PHE D 122 -4.32 -11.55 2.28
N ALA D 123 -3.54 -11.52 1.21
CA ALA D 123 -2.11 -11.75 1.26
C ALA D 123 -1.54 -10.36 1.30
N VAL D 124 -0.63 -10.14 2.24
CA VAL D 124 0.01 -8.86 2.46
C VAL D 124 1.53 -9.03 2.44
N LEU D 125 2.20 -8.16 1.69
CA LEU D 125 3.66 -8.22 1.65
C LEU D 125 4.27 -7.80 2.97
N THR D 126 5.24 -8.56 3.47
CA THR D 126 5.99 -8.11 4.65
C THR D 126 7.11 -7.11 4.25
N GLU D 127 7.69 -6.44 5.23
CA GLU D 127 8.86 -5.60 4.96
C GLU D 127 9.99 -6.41 4.31
N HIS D 128 10.23 -7.64 4.77
CA HIS D 128 11.25 -8.48 4.16
C HIS D 128 10.88 -8.82 2.73
N GLY D 129 9.60 -9.08 2.48
CA GLY D 129 9.13 -9.26 1.13
C GLY D 129 9.36 -8.10 0.19
N LEU D 130 9.04 -6.91 0.68
CA LEU D 130 9.23 -5.70 -0.07
C LEU D 130 10.73 -5.46 -0.34
N GLU D 131 11.58 -5.69 0.65
CA GLU D 131 12.99 -5.43 0.49
C GLU D 131 13.59 -6.45 -0.46
N THR D 132 13.07 -7.69 -0.42
CA THR D 132 13.51 -8.74 -1.34
C THR D 132 13.16 -8.32 -2.77
N MET D 133 11.91 -7.89 -2.96
CA MET D 133 11.46 -7.40 -4.27
C MET D 133 12.36 -6.26 -4.78
N ARG D 134 12.64 -5.29 -3.94
CA ARG D 134 13.48 -4.16 -4.35
C ARG D 134 14.89 -4.59 -4.70
N LYS D 135 15.44 -5.56 -3.97
CA LYS D 135 16.76 -6.07 -4.26
C LYS D 135 16.78 -6.83 -5.59
N VAL D 136 15.78 -7.68 -5.84
CA VAL D 136 15.80 -8.63 -6.96
C VAL D 136 15.34 -8.02 -8.28
N ALA D 137 14.39 -7.10 -8.22
CA ALA D 137 13.74 -6.55 -9.42
C ALA D 137 14.73 -6.04 -10.48
N PRO D 138 15.79 -5.26 -10.09
CA PRO D 138 16.78 -4.79 -11.07
C PRO D 138 17.50 -5.94 -11.79
N HIS D 139 17.81 -7.00 -11.05
CA HIS D 139 18.42 -8.17 -11.67
C HIS D 139 17.47 -8.90 -12.55
N HIS D 140 16.23 -9.08 -12.10
CA HIS D 140 15.23 -9.76 -12.93
C HIS D 140 14.97 -9.00 -14.21
N VAL D 141 14.82 -7.70 -14.13
CA VAL D 141 14.55 -6.92 -15.35
C VAL D 141 15.71 -6.96 -16.32
N ALA D 142 16.93 -6.93 -15.80
CA ALA D 142 18.13 -7.08 -16.63
C ALA D 142 18.14 -8.43 -17.33
N SER D 143 17.69 -9.47 -16.64
CA SER D 143 17.56 -10.81 -17.23
C SER D 143 16.48 -10.88 -18.32
N VAL D 144 15.31 -10.31 -18.06
CA VAL D 144 14.18 -10.28 -19.02
C VAL D 144 14.65 -9.53 -20.29
N ARG D 145 15.41 -8.45 -20.11
CA ARG D 145 15.97 -7.71 -21.24
C ARG D 145 17.01 -8.50 -22.01
N ARG D 146 18.03 -9.04 -21.33
CA ARG D 146 19.10 -9.71 -22.05
C ARG D 146 18.67 -11.00 -22.79
N HIS D 147 17.69 -11.72 -22.24
CA HIS D 147 17.27 -13.00 -22.82
C HIS D 147 16.03 -12.89 -23.67
N PHE D 148 15.40 -11.73 -23.72
CA PHE D 148 14.15 -11.63 -24.46
C PHE D 148 13.87 -10.25 -25.02
N ILE D 149 13.51 -9.29 -24.16
CA ILE D 149 13.02 -8.00 -24.62
C ILE D 149 14.01 -7.21 -25.47
N ASP D 150 15.28 -7.19 -25.11
CA ASP D 150 16.27 -6.44 -25.91
C ASP D 150 16.68 -7.17 -27.18
N LEU D 151 16.18 -8.38 -27.36
CA LEU D 151 16.46 -9.18 -28.56
C LEU D 151 15.31 -9.08 -29.58
N LEU D 152 14.28 -8.31 -29.25
CA LEU D 152 13.14 -8.10 -30.17
C LEU D 152 13.11 -6.71 -30.70
N ALA D 153 13.00 -6.57 -32.02
CA ALA D 153 12.76 -5.26 -32.63
C ALA D 153 11.42 -4.74 -32.10
N PRO D 154 11.31 -3.42 -31.87
CA PRO D 154 10.04 -2.85 -31.40
C PRO D 154 8.85 -3.29 -32.24
N GLU D 155 8.99 -3.34 -33.56
CA GLU D 155 7.89 -3.76 -34.43
C GLU D 155 7.43 -5.21 -34.14
N ASP D 156 8.39 -6.11 -33.91
CA ASP D 156 8.11 -7.53 -33.62
C ASP D 156 7.46 -7.70 -32.27
N LEU D 157 7.90 -6.90 -31.32
CA LEU D 157 7.29 -6.84 -30.00
C LEU D 157 5.81 -6.47 -30.06
N THR D 158 5.47 -5.40 -30.76
CA THR D 158 4.10 -4.99 -30.98
C THR D 158 3.24 -6.03 -31.71
N GLU D 159 3.81 -6.61 -32.77
CA GLU D 159 3.15 -7.62 -33.59
C GLU D 159 2.93 -8.92 -32.78
N LEU D 160 3.91 -9.35 -32.01
CA LEU D 160 3.76 -10.47 -31.09
C LEU D 160 2.59 -10.21 -30.14
N ASP D 161 2.58 -9.04 -29.51
CA ASP D 161 1.57 -8.73 -28.53
C ASP D 161 0.16 -8.70 -29.12
N LYS D 162 0.00 -8.09 -30.28
CA LYS D 162 -1.31 -8.05 -30.96
C LYS D 162 -1.76 -9.46 -31.33
N ALA D 163 -0.86 -10.30 -31.78
CA ALA D 163 -1.22 -11.67 -32.17
C ALA D 163 -1.55 -12.54 -30.97
N LEU D 164 -0.86 -12.36 -29.86
CA LEU D 164 -1.00 -13.23 -28.70
C LEU D 164 -2.12 -12.83 -27.74
N LYS D 165 -2.51 -11.56 -27.74
CA LYS D 165 -3.57 -11.09 -26.85
C LYS D 165 -4.87 -11.93 -27.00
N PRO D 166 -5.36 -12.16 -28.23
CA PRO D 166 -6.57 -12.95 -28.42
C PRO D 166 -6.42 -14.42 -28.00
N ILE D 167 -5.20 -14.93 -28.03
CA ILE D 167 -4.92 -16.29 -27.55
C ILE D 167 -5.04 -16.31 -26.02
N ALA D 168 -4.52 -15.29 -25.36
CA ALA D 168 -4.71 -15.15 -23.90
C ALA D 168 -6.19 -15.10 -23.56
N GLU D 169 -6.95 -14.34 -24.35
CA GLU D 169 -8.38 -14.15 -24.11
C GLU D 169 -9.10 -15.48 -24.26
N HIS D 170 -8.80 -16.20 -25.34
CA HIS D 170 -9.36 -17.54 -25.54
C HIS D 170 -9.04 -18.50 -24.41
N LEU D 171 -7.80 -18.52 -23.98
CA LEU D 171 -7.40 -19.42 -22.91
C LEU D 171 -8.01 -19.07 -21.57
N ARG D 172 -8.13 -17.76 -21.27
CA ARG D 172 -8.76 -17.33 -20.04
C ARG D 172 -10.21 -17.80 -20.01
N GLY D 173 -10.87 -17.76 -21.17
CA GLY D 173 -12.28 -18.19 -21.27
C GLY D 173 -12.52 -19.67 -21.07
N GLN D 174 -11.48 -20.49 -21.19
CA GLN D 174 -11.64 -21.95 -21.06
C GLN D 174 -11.92 -22.45 -19.61
C1' SAL E . -5.08 33.64 25.46
O1' SAL E . -4.47 32.57 25.66
O2' SAL E . -4.46 34.61 25.07
C1 SAL E . -6.57 33.72 25.74
C2 SAL E . -7.26 32.66 26.52
C3 SAL E . -8.66 32.74 26.77
C4 SAL E . -9.39 33.82 26.30
C5 SAL E . -8.75 34.83 25.57
C6 SAL E . -7.37 34.79 25.30
O2 SAL E . -6.55 31.60 26.98
NA NA F . -1.59 3.79 0.08
CL CL G . -0.01 1.55 -2.07
C1 EDO H . -5.56 40.12 28.07
O1 EDO H . -6.07 40.41 29.38
C2 EDO H . -4.03 40.07 28.05
O2 EDO H . -3.57 38.71 28.04
C1 EDO I . -5.54 37.54 24.58
O1 EDO I . -5.83 38.81 24.01
C2 EDO I . -4.07 37.45 25.01
O2 EDO I . -3.98 37.12 26.42
NA NA J . -11.85 42.98 36.07
CL CL K . -13.58 45.03 37.50
C1 EDO L . -7.99 14.82 9.77
O1 EDO L . -9.14 15.39 9.12
C2 EDO L . -6.97 14.42 8.70
O2 EDO L . -5.72 14.06 9.30
C1 EDO M . 2.68 22.45 34.19
O1 EDO M . 1.59 22.68 35.09
C2 EDO M . 3.31 23.77 33.75
O2 EDO M . 4.57 23.97 34.42
NA NA N . 11.56 -43.34 -35.95
C1 EDO O . 7.98 -12.05 -14.15
O1 EDO O . 8.54 -10.91 -14.81
C2 EDO O . 6.73 -11.62 -13.36
O2 EDO O . 6.13 -12.81 -12.78
C1 EDO P . 5.04 -31.76 -27.24
O1 EDO P . 6.45 -31.59 -27.45
C2 EDO P . 4.14 -30.61 -27.74
O2 EDO P . 3.95 -30.58 -29.17
NA NA Q . 1.72 -0.74 -3.95
CL CL R . -10.32 -14.34 -0.69
#